data_5X8N
#
_entry.id   5X8N
#
_cell.length_a   78.270
_cell.length_b   90.290
_cell.length_c   98.170
_cell.angle_alpha   90.000
_cell.angle_beta   90.000
_cell.angle_gamma   90.000
#
_symmetry.space_group_name_H-M   'P 21 21 21'
#
loop_
_entity.id
_entity.type
_entity.pdbx_description
1 polymer 'Importin subunit alpha-1'
2 polymer 'Epstein-Barr nuclear antigen leader protein'
3 water water
#
loop_
_entity_poly.entity_id
_entity_poly.type
_entity_poly.pdbx_seq_one_letter_code
_entity_poly.pdbx_strand_id
1 'polypeptide(L)'
;NQGTVNWSVEDIVKGINSNNLESQLQATQAARKLLSREKQPPIDNIIRAGLIPKFVSFLGKTDCSPIQFESAWALTNIAS
GTSEQTKAVVDGGAIPAFISLLASPHAHISEQAVWALGNIAGDGSAFRDLVIKHGAIDPLLALLAVPDLSTLACGYLRNL
TWTLSNLCRNKNPAPPLDAVEQILPTLVRLLHHNDPEVLADSCWAISYLTDGPNERIEMVVKKGVVPQLVKLLGATELPI
VTPALRAIGNIVTGTDEQTQKVIDAGALAVFPSLLTNPKTNIQKEATWTMSNITAGRQDQIQQVVNHGLVPFLVGVLSKA
DFKTQKEAAWAITNYTSGGTVEQIVYLVHCGIIEPLMNLLSAKDTKIIQVILDAISNIFQAAEKLGETEKLSIMIEECGG
LDKIEALQRHENESVYKASLNLIEKYFSVEEEEDQNVVPETTSEGFAFQVQDGAPGTFNF
;
A
2 'polypeptide(L)' RRHRSPSPTRGGQEPRRVRRRV B
#
# COMPACT_ATOMS: atom_id res chain seq x y z
N THR A 4 -18.94 -31.69 18.72
CA THR A 4 -19.19 -30.98 17.46
C THR A 4 -17.98 -30.98 16.53
N VAL A 5 -17.06 -31.93 16.75
CA VAL A 5 -15.85 -32.02 15.95
C VAL A 5 -16.07 -32.96 14.78
N ASN A 6 -15.81 -32.46 13.56
CA ASN A 6 -15.80 -33.25 12.33
C ASN A 6 -17.15 -33.92 12.06
N TRP A 7 -18.21 -33.14 12.10
CA TRP A 7 -19.48 -33.58 11.55
C TRP A 7 -19.39 -33.63 10.03
N SER A 8 -20.30 -34.38 9.43
CA SER A 8 -20.54 -34.28 8.00
C SER A 8 -21.42 -33.06 7.72
N VAL A 9 -21.34 -32.57 6.48
CA VAL A 9 -22.22 -31.47 6.07
C VAL A 9 -23.67 -31.90 6.16
N GLU A 10 -23.95 -33.16 5.80
CA GLU A 10 -25.33 -33.65 5.88
C GLU A 10 -25.84 -33.65 7.31
N ASP A 11 -24.98 -33.98 8.28
CA ASP A 11 -25.37 -33.94 9.68
C ASP A 11 -25.63 -32.51 10.14
N ILE A 12 -24.82 -31.57 9.67
CA ILE A 12 -25.04 -30.16 10.00
C ILE A 12 -26.39 -29.70 9.44
N VAL A 13 -26.73 -30.14 8.23
CA VAL A 13 -27.98 -29.73 7.61
C VAL A 13 -29.18 -30.24 8.41
N LYS A 14 -29.15 -31.51 8.83
CA LYS A 14 -30.29 -32.04 9.59
C LYS A 14 -30.40 -31.38 10.95
N GLY A 15 -29.28 -31.01 11.56
CA GLY A 15 -29.34 -30.27 12.81
C GLY A 15 -29.95 -28.89 12.64
N ILE A 16 -29.54 -28.18 11.59
CA ILE A 16 -30.01 -26.81 11.39
C ILE A 16 -31.46 -26.80 10.94
N ASN A 17 -31.91 -27.86 10.25
CA ASN A 17 -33.31 -27.97 9.84
C ASN A 17 -34.22 -28.51 10.93
N SER A 18 -33.68 -28.81 12.12
CA SER A 18 -34.46 -29.50 13.14
C SER A 18 -35.51 -28.62 13.78
N ASN A 19 -35.37 -27.29 13.69
CA ASN A 19 -36.22 -26.34 14.40
C ASN A 19 -36.20 -26.58 15.91
N ASN A 20 -35.09 -27.15 16.39
CA ASN A 20 -34.74 -27.21 17.80
C ASN A 20 -33.57 -26.25 17.98
N LEU A 21 -33.81 -25.13 18.67
CA LEU A 21 -32.79 -24.09 18.76
C LEU A 21 -31.47 -24.63 19.27
N GLU A 22 -31.52 -25.54 20.25
CA GLU A 22 -30.28 -26.10 20.79
C GLU A 22 -29.63 -27.06 19.81
N SER A 23 -30.43 -27.86 19.09
CA SER A 23 -29.87 -28.68 18.03
C SER A 23 -29.26 -27.82 16.94
N GLN A 24 -29.91 -26.69 16.62
CA GLN A 24 -29.36 -25.77 15.63
C GLN A 24 -28.05 -25.17 16.11
N LEU A 25 -27.97 -24.83 17.40
CA LEU A 25 -26.73 -24.27 17.95
C LEU A 25 -25.57 -25.24 17.79
N GLN A 26 -25.80 -26.52 18.12
CA GLN A 26 -24.71 -27.49 18.05
C GLN A 26 -24.30 -27.76 16.61
N ALA A 27 -25.26 -27.81 15.68
CA ALA A 27 -24.92 -27.98 14.28
C ALA A 27 -24.20 -26.76 13.73
N THR A 28 -24.60 -25.56 14.16
CA THR A 28 -23.93 -24.35 13.70
C THR A 28 -22.50 -24.30 14.22
N GLN A 29 -22.28 -24.69 15.48
CA GLN A 29 -20.93 -24.77 16.00
C GLN A 29 -20.10 -25.79 15.24
N ALA A 30 -20.71 -26.94 14.91
CA ALA A 30 -20.03 -27.94 14.10
C ALA A 30 -19.60 -27.36 12.76
N ALA A 31 -20.48 -26.58 12.14
CA ALA A 31 -20.12 -25.93 10.88
C ALA A 31 -18.96 -24.95 11.08
N ARG A 32 -19.00 -24.18 12.18
CA ARG A 32 -17.91 -23.25 12.46
C ARG A 32 -16.57 -23.96 12.56
N LYS A 33 -16.55 -25.13 13.21
CA LYS A 33 -15.30 -25.86 13.36
C LYS A 33 -14.83 -26.44 12.04
N LEU A 34 -15.77 -26.90 11.19
CA LEU A 34 -15.42 -27.30 9.84
C LEU A 34 -14.76 -26.15 9.08
N LEU A 35 -15.38 -24.98 9.13
CA LEU A 35 -14.88 -23.82 8.41
C LEU A 35 -13.62 -23.22 9.04
N SER A 36 -13.21 -23.70 10.20
CA SER A 36 -12.03 -23.19 10.89
C SER A 36 -10.79 -24.07 10.72
N ARG A 37 -10.90 -25.17 9.98
CA ARG A 37 -9.78 -26.09 9.83
C ARG A 37 -8.81 -25.58 8.77
N GLU A 38 -7.53 -25.94 8.95
CA GLU A 38 -6.48 -25.45 8.07
C GLU A 38 -6.69 -25.95 6.64
N LYS A 39 -6.73 -27.28 6.48
CA LYS A 39 -6.78 -27.88 5.16
C LYS A 39 -8.19 -27.78 4.60
N GLN A 40 -8.32 -27.03 3.51
CA GLN A 40 -9.48 -27.02 2.62
C GLN A 40 -10.81 -27.01 3.37
N PRO A 41 -11.18 -25.90 4.01
CA PRO A 41 -12.51 -25.81 4.61
C PRO A 41 -13.59 -25.97 3.55
N PRO A 42 -14.59 -26.81 3.79
CA PRO A 42 -15.59 -27.13 2.75
C PRO A 42 -16.59 -26.00 2.54
N ILE A 43 -16.08 -24.83 2.15
CA ILE A 43 -16.91 -23.65 2.02
C ILE A 43 -18.00 -23.87 0.98
N ASP A 44 -17.63 -24.41 -0.18
CA ASP A 44 -18.59 -24.60 -1.27
C ASP A 44 -19.67 -25.60 -0.88
N ASN A 45 -19.29 -26.67 -0.19
CA ASN A 45 -20.29 -27.64 0.27
C ASN A 45 -21.29 -26.98 1.21
N ILE A 46 -20.81 -26.16 2.13
CA ILE A 46 -21.70 -25.43 3.04
C ILE A 46 -22.66 -24.54 2.25
N ILE A 47 -22.12 -23.79 1.29
CA ILE A 47 -22.95 -22.90 0.48
C ILE A 47 -23.99 -23.69 -0.30
N ARG A 48 -23.55 -24.75 -0.98
CA ARG A 48 -24.46 -25.53 -1.82
C ARG A 48 -25.53 -26.22 -0.98
N ALA A 49 -25.24 -26.50 0.29
CA ALA A 49 -26.24 -27.05 1.19
C ALA A 49 -27.32 -26.03 1.56
N GLY A 50 -27.16 -24.78 1.13
CA GLY A 50 -28.14 -23.74 1.40
C GLY A 50 -28.15 -23.21 2.81
N LEU A 51 -27.01 -23.25 3.50
CA LEU A 51 -26.99 -22.91 4.92
C LEU A 51 -26.83 -21.41 5.19
N ILE A 52 -26.36 -20.64 4.20
CA ILE A 52 -26.10 -19.22 4.44
C ILE A 52 -27.34 -18.47 4.96
N PRO A 53 -28.51 -18.58 4.33
CA PRO A 53 -29.69 -17.86 4.88
C PRO A 53 -30.03 -18.28 6.30
N LYS A 54 -29.83 -19.56 6.64
CA LYS A 54 -30.06 -20.01 8.00
C LYS A 54 -29.10 -19.33 8.96
N PHE A 55 -27.80 -19.33 8.63
CA PHE A 55 -26.81 -18.63 9.45
C PHE A 55 -27.17 -17.17 9.64
N VAL A 56 -27.53 -16.50 8.54
CA VAL A 56 -27.89 -15.08 8.62
C VAL A 56 -29.09 -14.88 9.53
N SER A 57 -30.10 -15.76 9.43
CA SER A 57 -31.24 -15.69 10.34
C SER A 57 -30.80 -15.83 11.79
N PHE A 58 -29.82 -16.70 12.05
CA PHE A 58 -29.34 -16.91 13.41
C PHE A 58 -28.64 -15.67 13.97
N LEU A 59 -28.15 -14.78 13.10
CA LEU A 59 -27.50 -13.57 13.59
C LEU A 59 -28.46 -12.69 14.40
N GLY A 60 -29.75 -12.79 14.13
CA GLY A 60 -30.74 -11.98 14.79
C GLY A 60 -31.37 -12.57 16.02
N LYS A 61 -30.90 -13.73 16.49
CA LYS A 61 -31.48 -14.39 17.66
C LYS A 61 -30.81 -13.83 18.91
N THR A 62 -31.24 -12.63 19.30
CA THR A 62 -30.58 -11.90 20.37
C THR A 62 -30.67 -12.61 21.71
N ASP A 63 -31.67 -13.47 21.90
CA ASP A 63 -31.80 -14.20 23.16
C ASP A 63 -31.04 -15.50 23.18
N CYS A 64 -30.35 -15.86 22.10
CA CYS A 64 -29.40 -16.98 22.08
C CYS A 64 -28.09 -16.44 21.52
N SER A 65 -27.37 -15.68 22.34
CA SER A 65 -26.10 -15.12 21.90
C SER A 65 -25.07 -16.16 21.45
N PRO A 66 -25.00 -17.39 22.00
CA PRO A 66 -24.04 -18.35 21.45
C PRO A 66 -24.25 -18.68 19.98
N ILE A 67 -25.50 -18.79 19.53
CA ILE A 67 -25.72 -19.09 18.12
C ILE A 67 -25.49 -17.86 17.24
N GLN A 68 -25.62 -16.66 17.78
CA GLN A 68 -25.19 -15.46 17.07
C GLN A 68 -23.70 -15.52 16.80
N PHE A 69 -22.92 -15.88 17.82
CA PHE A 69 -21.46 -15.92 17.69
C PHE A 69 -21.02 -17.01 16.72
N GLU A 70 -21.58 -18.22 16.86
CA GLU A 70 -21.18 -19.33 16.01
C GLU A 70 -21.51 -19.07 14.54
N SER A 71 -22.70 -18.52 14.28
CA SER A 71 -23.07 -18.23 12.90
C SER A 71 -22.29 -17.04 12.34
N ALA A 72 -21.99 -16.04 13.18
CA ALA A 72 -21.15 -14.93 12.74
C ALA A 72 -19.76 -15.41 12.35
N TRP A 73 -19.18 -16.28 13.18
CA TRP A 73 -17.88 -16.87 12.88
C TRP A 73 -17.95 -17.71 11.60
N ALA A 74 -18.98 -18.54 11.47
CA ALA A 74 -19.14 -19.36 10.27
C ALA A 74 -19.23 -18.48 9.02
N LEU A 75 -20.02 -17.42 9.08
CA LEU A 75 -20.20 -16.56 7.91
C LEU A 75 -18.94 -15.76 7.63
N THR A 76 -18.21 -15.35 8.67
CA THR A 76 -16.94 -14.67 8.47
C THR A 76 -16.00 -15.51 7.62
N ASN A 77 -15.91 -16.81 7.93
CA ASN A 77 -14.96 -17.66 7.23
C ASN A 77 -15.42 -17.99 5.81
N ILE A 78 -16.73 -18.07 5.58
CA ILE A 78 -17.21 -18.18 4.21
C ILE A 78 -16.86 -16.93 3.41
N ALA A 79 -17.07 -15.76 4.02
CA ALA A 79 -16.77 -14.49 3.36
C ALA A 79 -15.29 -14.28 3.14
N SER A 80 -14.42 -15.06 3.79
CA SER A 80 -12.98 -15.00 3.57
C SER A 80 -12.54 -15.84 2.38
N GLY A 81 -13.46 -16.50 1.70
CA GLY A 81 -13.10 -17.31 0.56
C GLY A 81 -12.98 -16.51 -0.72
N THR A 82 -13.43 -17.09 -1.83
CA THR A 82 -13.37 -16.41 -3.11
C THR A 82 -14.41 -15.29 -3.17
N SER A 83 -14.25 -14.41 -4.17
CA SER A 83 -15.22 -13.37 -4.44
C SER A 83 -16.64 -13.92 -4.53
N GLU A 84 -16.78 -15.07 -5.19
CA GLU A 84 -18.09 -15.69 -5.32
C GLU A 84 -18.60 -16.17 -3.97
N GLN A 85 -17.70 -16.60 -3.09
CA GLN A 85 -18.11 -17.04 -1.76
C GLN A 85 -18.45 -15.85 -0.87
N THR A 86 -17.73 -14.74 -0.99
CA THR A 86 -18.15 -13.50 -0.34
C THR A 86 -19.50 -13.04 -0.86
N LYS A 87 -19.72 -13.15 -2.18
CA LYS A 87 -20.98 -12.73 -2.77
C LYS A 87 -22.15 -13.53 -2.21
N ALA A 88 -21.95 -14.82 -1.98
CA ALA A 88 -23.01 -15.66 -1.42
C ALA A 88 -23.40 -15.19 -0.03
N VAL A 89 -22.42 -14.74 0.77
CA VAL A 89 -22.72 -14.20 2.10
C VAL A 89 -23.52 -12.91 1.97
N VAL A 90 -23.08 -12.01 1.09
CA VAL A 90 -23.81 -10.78 0.86
C VAL A 90 -25.20 -11.07 0.31
N ASP A 91 -25.31 -12.03 -0.62
CA ASP A 91 -26.59 -12.34 -1.23
C ASP A 91 -27.59 -12.86 -0.19
N GLY A 92 -27.10 -13.46 0.89
CA GLY A 92 -27.95 -13.95 1.96
C GLY A 92 -28.42 -12.90 2.94
N GLY A 93 -28.17 -11.61 2.65
CA GLY A 93 -28.61 -10.55 3.51
C GLY A 93 -27.75 -10.27 4.72
N ALA A 94 -26.47 -10.66 4.67
CA ALA A 94 -25.66 -10.65 5.90
C ALA A 94 -25.25 -9.23 6.30
N ILE A 95 -25.15 -8.30 5.35
CA ILE A 95 -24.62 -6.98 5.66
C ILE A 95 -25.45 -6.25 6.72
N PRO A 96 -26.75 -6.01 6.53
CA PRO A 96 -27.50 -5.33 7.60
C PRO A 96 -27.55 -6.12 8.89
N ALA A 97 -27.57 -7.45 8.81
CA ALA A 97 -27.57 -8.26 10.03
C ALA A 97 -26.27 -8.09 10.81
N PHE A 98 -25.13 -8.07 10.12
CA PHE A 98 -23.86 -7.86 10.82
C PHE A 98 -23.76 -6.46 11.39
N ILE A 99 -24.34 -5.47 10.71
CA ILE A 99 -24.30 -4.11 11.23
C ILE A 99 -25.13 -3.98 12.50
N SER A 100 -26.29 -4.65 12.54
CA SER A 100 -27.06 -4.72 13.77
C SER A 100 -26.23 -5.35 14.89
N LEU A 101 -25.41 -6.35 14.56
CA LEU A 101 -24.62 -7.05 15.56
C LEU A 101 -23.52 -6.17 16.14
N LEU A 102 -23.17 -5.06 15.48
CA LEU A 102 -22.17 -4.17 16.04
C LEU A 102 -22.62 -3.58 17.37
N ALA A 103 -23.93 -3.51 17.58
CA ALA A 103 -24.50 -3.00 18.83
C ALA A 103 -24.67 -4.08 19.88
N SER A 104 -24.08 -5.25 19.69
CA SER A 104 -24.26 -6.34 20.64
C SER A 104 -23.54 -6.03 21.95
N PRO A 105 -24.14 -6.36 23.10
CA PRO A 105 -23.44 -6.15 24.38
C PRO A 105 -22.29 -7.11 24.61
N HIS A 106 -22.19 -8.17 23.81
CA HIS A 106 -21.13 -9.15 23.96
C HIS A 106 -19.98 -8.77 23.04
N ALA A 107 -18.81 -8.47 23.64
CA ALA A 107 -17.69 -7.96 22.86
C ALA A 107 -17.20 -8.97 21.83
N HIS A 108 -17.18 -10.25 22.19
CA HIS A 108 -16.74 -11.26 21.22
C HIS A 108 -17.70 -11.38 20.04
N ILE A 109 -18.94 -10.91 20.17
CA ILE A 109 -19.90 -10.99 19.08
C ILE A 109 -19.79 -9.77 18.16
N SER A 110 -19.72 -8.58 18.75
CA SER A 110 -19.52 -7.38 17.93
C SER A 110 -18.17 -7.45 17.21
N GLU A 111 -17.16 -8.00 17.87
CA GLU A 111 -15.86 -8.20 17.22
C GLU A 111 -15.99 -9.08 15.99
N GLN A 112 -16.76 -10.17 16.09
CA GLN A 112 -16.95 -11.05 14.95
C GLN A 112 -17.68 -10.33 13.82
N ALA A 113 -18.64 -9.46 14.18
CA ALA A 113 -19.32 -8.67 13.17
C ALA A 113 -18.38 -7.68 12.50
N VAL A 114 -17.50 -7.06 13.28
CA VAL A 114 -16.46 -6.19 12.71
C VAL A 114 -15.63 -6.95 11.70
N TRP A 115 -15.17 -8.14 12.10
CA TRP A 115 -14.34 -8.98 11.24
C TRP A 115 -15.07 -9.36 9.97
N ALA A 116 -16.33 -9.78 10.09
CA ALA A 116 -17.11 -10.19 8.92
C ALA A 116 -17.27 -9.05 7.94
N LEU A 117 -17.61 -7.85 8.44
CA LEU A 117 -17.77 -6.71 7.54
C LEU A 117 -16.45 -6.32 6.90
N GLY A 118 -15.33 -6.52 7.61
CA GLY A 118 -14.03 -6.26 7.02
C GLY A 118 -13.77 -7.18 5.84
N ASN A 119 -14.13 -8.45 5.98
CA ASN A 119 -14.00 -9.40 4.87
C ASN A 119 -14.86 -8.98 3.68
N ILE A 120 -16.10 -8.59 3.95
CA ILE A 120 -17.01 -8.20 2.87
C ILE A 120 -16.49 -6.96 2.16
N ALA A 121 -16.12 -5.93 2.94
CA ALA A 121 -15.56 -4.72 2.35
C ALA A 121 -14.26 -5.01 1.62
N GLY A 122 -13.46 -5.96 2.12
CA GLY A 122 -12.19 -6.27 1.51
C GLY A 122 -12.28 -6.98 0.17
N ASP A 123 -13.49 -7.35 -0.26
CA ASP A 123 -13.64 -8.01 -1.55
C ASP A 123 -13.39 -7.05 -2.71
N GLY A 124 -13.77 -5.79 -2.55
CA GLY A 124 -13.62 -4.82 -3.61
C GLY A 124 -14.47 -3.61 -3.33
N SER A 125 -14.40 -2.66 -4.27
CA SER A 125 -15.01 -1.34 -4.05
C SER A 125 -16.53 -1.40 -4.05
N ALA A 126 -17.13 -2.32 -4.80
CA ALA A 126 -18.58 -2.41 -4.82
C ALA A 126 -19.13 -2.85 -3.48
N PHE A 127 -18.60 -3.95 -2.94
CA PHE A 127 -19.04 -4.40 -1.62
C PHE A 127 -18.59 -3.45 -0.52
N ARG A 128 -17.43 -2.82 -0.68
CA ARG A 128 -17.01 -1.78 0.27
C ARG A 128 -18.04 -0.66 0.33
N ASP A 129 -18.44 -0.15 -0.84
CA ASP A 129 -19.42 0.93 -0.87
C ASP A 129 -20.80 0.46 -0.44
N LEU A 130 -21.14 -0.81 -0.68
CA LEU A 130 -22.41 -1.33 -0.21
C LEU A 130 -22.44 -1.43 1.31
N VAL A 131 -21.33 -1.87 1.92
CA VAL A 131 -21.23 -1.87 3.38
C VAL A 131 -21.41 -0.46 3.92
N ILE A 132 -20.83 0.53 3.22
CA ILE A 132 -20.96 1.91 3.65
C ILE A 132 -22.39 2.40 3.50
N LYS A 133 -23.06 2.02 2.41
CA LYS A 133 -24.44 2.46 2.19
C LYS A 133 -25.38 1.90 3.25
N HIS A 134 -25.15 0.68 3.71
CA HIS A 134 -25.95 0.11 4.79
C HIS A 134 -25.68 0.77 6.14
N GLY A 135 -24.75 1.71 6.20
CA GLY A 135 -24.54 2.49 7.41
C GLY A 135 -23.56 1.91 8.41
N ALA A 136 -22.51 1.24 7.96
CA ALA A 136 -21.62 0.55 8.89
C ALA A 136 -20.70 1.52 9.63
N ILE A 137 -20.44 2.69 9.06
CA ILE A 137 -19.37 3.55 9.57
C ILE A 137 -19.71 4.09 10.96
N ASP A 138 -20.91 4.64 11.12
CA ASP A 138 -21.28 5.19 12.43
C ASP A 138 -21.14 4.17 13.55
N PRO A 139 -21.72 2.96 13.47
CA PRO A 139 -21.53 2.00 14.57
C PRO A 139 -20.10 1.55 14.75
N LEU A 140 -19.33 1.41 13.67
CA LEU A 140 -17.92 1.05 13.80
C LEU A 140 -17.15 2.11 14.57
N LEU A 141 -17.28 3.38 14.16
CA LEU A 141 -16.58 4.46 14.84
C LEU A 141 -17.05 4.60 16.28
N ALA A 142 -18.32 4.29 16.57
CA ALA A 142 -18.83 4.38 17.93
C ALA A 142 -18.10 3.42 18.86
N LEU A 143 -17.68 2.26 18.36
CA LEU A 143 -16.95 1.30 19.17
C LEU A 143 -15.58 1.83 19.59
N LEU A 144 -15.07 2.85 18.90
CA LEU A 144 -13.78 3.44 19.19
C LEU A 144 -13.90 4.80 19.88
N ALA A 145 -15.10 5.19 20.30
CA ALA A 145 -15.31 6.47 20.97
C ALA A 145 -15.05 6.32 22.47
N VAL A 146 -13.76 6.15 22.79
CA VAL A 146 -13.32 6.09 24.18
C VAL A 146 -12.21 7.12 24.38
N PRO A 147 -12.02 7.63 25.60
CA PRO A 147 -10.95 8.64 25.80
C PRO A 147 -9.56 8.10 25.49
N ASP A 148 -9.29 6.85 25.84
CA ASP A 148 -7.99 6.24 25.66
C ASP A 148 -8.17 4.86 25.03
N LEU A 149 -7.65 4.70 23.81
CA LEU A 149 -7.73 3.41 23.12
C LEU A 149 -7.11 2.27 23.94
N SER A 150 -6.20 2.59 24.87
CA SER A 150 -5.49 1.56 25.61
C SER A 150 -6.41 0.74 26.50
N THR A 151 -7.60 1.24 26.81
CA THR A 151 -8.54 0.47 27.62
C THR A 151 -9.30 -0.58 26.84
N LEU A 152 -9.21 -0.57 25.50
CA LEU A 152 -9.85 -1.58 24.68
C LEU A 152 -8.98 -2.83 24.61
N ALA A 153 -9.64 -3.97 24.38
CA ALA A 153 -8.92 -5.23 24.23
C ALA A 153 -8.05 -5.20 22.98
N CYS A 154 -6.86 -5.80 23.08
CA CYS A 154 -5.88 -5.71 22.00
C CYS A 154 -6.41 -6.32 20.71
N GLY A 155 -6.88 -7.56 20.77
CA GLY A 155 -7.44 -8.19 19.59
C GLY A 155 -8.64 -7.43 19.05
N TYR A 156 -9.49 -6.92 19.94
CA TYR A 156 -10.65 -6.14 19.53
C TYR A 156 -10.22 -4.92 18.73
N LEU A 157 -9.23 -4.18 19.24
CA LEU A 157 -8.79 -2.95 18.59
C LEU A 157 -8.12 -3.26 17.25
N ARG A 158 -7.37 -4.36 17.17
CA ARG A 158 -6.73 -4.73 15.91
C ARG A 158 -7.75 -5.06 14.84
N ASN A 159 -8.83 -5.74 15.22
CA ASN A 159 -9.84 -6.09 14.23
C ASN A 159 -10.58 -4.86 13.73
N LEU A 160 -10.85 -3.91 14.63
CA LEU A 160 -11.49 -2.67 14.21
C LEU A 160 -10.61 -1.87 13.27
N THR A 161 -9.31 -1.78 13.58
CA THR A 161 -8.39 -1.07 12.70
C THR A 161 -8.31 -1.72 11.33
N TRP A 162 -8.21 -3.05 11.29
CA TRP A 162 -8.09 -3.74 10.00
C TRP A 162 -9.34 -3.53 9.16
N THR A 163 -10.52 -3.58 9.77
CA THR A 163 -11.75 -3.40 9.01
C THR A 163 -11.89 -1.97 8.51
N LEU A 164 -11.51 -0.99 9.32
CA LEU A 164 -11.53 0.41 8.88
C LEU A 164 -10.59 0.62 7.70
N SER A 165 -9.43 -0.04 7.72
CA SER A 165 -8.49 0.09 6.60
C SER A 165 -9.05 -0.50 5.32
N ASN A 166 -9.89 -1.54 5.43
CA ASN A 166 -10.53 -2.08 4.24
C ASN A 166 -11.61 -1.15 3.71
N LEU A 167 -12.22 -0.35 4.59
CA LEU A 167 -13.16 0.66 4.12
C LEU A 167 -12.45 1.82 3.43
N CYS A 168 -11.14 1.98 3.66
CA CYS A 168 -10.34 2.98 2.98
C CYS A 168 -9.69 2.43 1.71
N ARG A 169 -9.83 1.14 1.44
CA ARG A 169 -9.06 0.44 0.42
C ARG A 169 -9.78 0.44 -0.92
N ASN A 170 -8.98 0.32 -1.98
CA ASN A 170 -9.39 0.11 -3.38
C ASN A 170 -9.69 1.41 -4.10
N LYS A 171 -9.52 1.39 -5.42
CA LYS A 171 -9.78 2.52 -6.29
C LYS A 171 -10.75 2.08 -7.38
N ASN A 172 -11.11 3.02 -8.25
CA ASN A 172 -12.07 2.80 -9.32
C ASN A 172 -13.36 2.16 -8.82
N PRO A 173 -14.16 2.87 -8.00
CA PRO A 173 -13.79 4.20 -7.49
C PRO A 173 -13.10 4.14 -6.14
N ALA A 174 -12.49 5.26 -5.74
CA ALA A 174 -12.02 5.43 -4.39
C ALA A 174 -13.24 5.53 -3.46
N PRO A 175 -13.05 5.38 -2.15
CA PRO A 175 -14.20 5.44 -1.24
C PRO A 175 -14.86 6.80 -1.29
N PRO A 176 -16.15 6.89 -0.94
CA PRO A 176 -16.84 8.19 -0.98
C PRO A 176 -16.12 9.22 -0.13
N LEU A 177 -16.02 10.44 -0.68
CA LEU A 177 -15.32 11.53 -0.01
C LEU A 177 -15.81 11.70 1.42
N ASP A 178 -17.13 11.73 1.61
CA ASP A 178 -17.69 11.99 2.93
C ASP A 178 -17.44 10.82 3.89
N ALA A 179 -17.32 9.60 3.36
CA ALA A 179 -16.93 8.48 4.19
C ALA A 179 -15.49 8.62 4.68
N VAL A 180 -14.59 9.09 3.79
CA VAL A 180 -13.19 9.29 4.17
C VAL A 180 -13.08 10.37 5.24
N GLU A 181 -13.79 11.49 5.04
CA GLU A 181 -13.77 12.54 6.04
C GLU A 181 -14.30 12.05 7.38
N GLN A 182 -15.31 11.18 7.35
CA GLN A 182 -15.89 10.64 8.57
C GLN A 182 -14.90 9.74 9.30
N ILE A 183 -14.11 8.97 8.55
CA ILE A 183 -13.22 7.98 9.16
C ILE A 183 -11.92 8.63 9.63
N LEU A 184 -11.42 9.61 8.88
CA LEU A 184 -10.07 10.13 9.07
C LEU A 184 -9.72 10.50 10.51
N PRO A 185 -10.55 11.22 11.28
CA PRO A 185 -10.14 11.57 12.65
C PRO A 185 -9.87 10.36 13.52
N THR A 186 -10.65 9.29 13.35
CA THR A 186 -10.38 8.05 14.10
C THR A 186 -9.09 7.39 13.61
N LEU A 187 -8.84 7.44 12.30
CA LEU A 187 -7.61 6.89 11.74
C LEU A 187 -6.38 7.59 12.31
N VAL A 188 -6.42 8.92 12.37
CA VAL A 188 -5.30 9.68 12.92
C VAL A 188 -5.02 9.24 14.35
N ARG A 189 -6.06 8.94 15.12
CA ARG A 189 -5.87 8.49 16.49
C ARG A 189 -5.26 7.10 16.55
N LEU A 190 -5.70 6.19 15.67
CA LEU A 190 -5.09 4.86 15.63
C LEU A 190 -3.64 4.94 15.16
N LEU A 191 -3.32 5.94 14.31
CA LEU A 191 -1.95 6.11 13.84
C LEU A 191 -1.00 6.53 14.95
N HIS A 192 -1.51 6.99 16.08
CA HIS A 192 -0.69 7.34 17.23
C HIS A 192 -0.73 6.30 18.34
N HIS A 193 -1.45 5.19 18.13
CA HIS A 193 -1.53 4.14 19.13
C HIS A 193 -0.24 3.32 19.14
N ASN A 194 0.05 2.70 20.28
CA ASN A 194 1.34 2.06 20.47
C ASN A 194 1.33 0.56 20.18
N ASP A 195 0.34 0.06 19.45
CA ASP A 195 0.40 -1.36 19.15
C ASP A 195 0.91 -1.56 17.73
N PRO A 196 1.93 -2.40 17.54
CA PRO A 196 2.53 -2.53 16.20
C PRO A 196 1.54 -2.91 15.11
N GLU A 197 0.57 -3.79 15.42
CA GLU A 197 -0.35 -4.22 14.39
C GLU A 197 -1.38 -3.15 14.07
N VAL A 198 -1.83 -2.41 15.08
CA VAL A 198 -2.70 -1.27 14.84
C VAL A 198 -1.98 -0.22 13.99
N LEU A 199 -0.70 0.02 14.29
CA LEU A 199 0.08 0.99 13.54
C LEU A 199 0.23 0.57 12.09
N ALA A 200 0.51 -0.71 11.86
CA ALA A 200 0.70 -1.20 10.49
C ALA A 200 -0.59 -1.01 9.68
N ASP A 201 -1.71 -1.46 10.23
CA ASP A 201 -2.97 -1.36 9.49
C ASP A 201 -3.43 0.08 9.35
N SER A 202 -3.12 0.93 10.34
CA SER A 202 -3.40 2.36 10.19
C SER A 202 -2.60 2.96 9.05
N CYS A 203 -1.32 2.57 8.94
CA CYS A 203 -0.48 3.08 7.86
C CYS A 203 -0.97 2.58 6.51
N TRP A 204 -1.43 1.33 6.45
CA TRP A 204 -2.01 0.82 5.20
C TRP A 204 -3.22 1.65 4.79
N ALA A 205 -4.10 1.97 5.75
CA ALA A 205 -5.26 2.79 5.44
C ALA A 205 -4.85 4.16 4.90
N ILE A 206 -3.86 4.79 5.53
CA ILE A 206 -3.39 6.08 5.05
C ILE A 206 -2.76 5.93 3.67
N SER A 207 -2.06 4.82 3.42
CA SER A 207 -1.47 4.60 2.11
C SER A 207 -2.53 4.42 1.03
N TYR A 208 -3.66 3.79 1.35
CA TYR A 208 -4.75 3.72 0.39
C TYR A 208 -5.34 5.10 0.12
N LEU A 209 -5.58 5.88 1.18
CA LEU A 209 -6.24 7.17 1.03
C LEU A 209 -5.37 8.16 0.25
N THR A 210 -4.05 8.04 0.34
CA THR A 210 -3.13 8.90 -0.40
C THR A 210 -2.84 8.39 -1.80
N ASP A 211 -3.38 7.23 -2.17
CA ASP A 211 -3.18 6.67 -3.52
C ASP A 211 -4.31 7.16 -4.42
N GLY A 212 -4.16 8.40 -4.87
CA GLY A 212 -5.15 9.03 -5.72
C GLY A 212 -4.74 10.45 -6.10
N PRO A 213 -5.70 11.23 -6.59
CA PRO A 213 -5.39 12.60 -7.01
C PRO A 213 -5.04 13.48 -5.83
N ASN A 214 -4.55 14.68 -6.16
CA ASN A 214 -4.03 15.59 -5.15
C ASN A 214 -5.07 15.98 -4.12
N GLU A 215 -6.35 16.04 -4.52
CA GLU A 215 -7.41 16.35 -3.57
C GLU A 215 -7.49 15.29 -2.48
N ARG A 216 -7.34 14.01 -2.85
CA ARG A 216 -7.32 12.94 -1.85
C ARG A 216 -6.11 13.07 -0.94
N ILE A 217 -4.94 13.32 -1.52
CA ILE A 217 -3.72 13.51 -0.73
C ILE A 217 -3.89 14.69 0.23
N GLU A 218 -4.50 15.78 -0.25
CA GLU A 218 -4.66 16.96 0.60
C GLU A 218 -5.51 16.64 1.83
N MET A 219 -6.60 15.88 1.65
CA MET A 219 -7.43 15.47 2.78
C MET A 219 -6.59 14.84 3.89
N VAL A 220 -5.66 13.97 3.53
CA VAL A 220 -4.82 13.31 4.53
C VAL A 220 -3.81 14.31 5.11
N VAL A 221 -3.14 15.07 4.24
CA VAL A 221 -2.04 15.93 4.67
C VAL A 221 -2.53 17.00 5.65
N LYS A 222 -3.74 17.52 5.43
CA LYS A 222 -4.22 18.57 6.33
C LYS A 222 -4.66 18.07 7.69
N LYS A 223 -4.78 16.75 7.88
CA LYS A 223 -4.98 16.23 9.24
C LYS A 223 -3.70 16.23 10.06
N GLY A 224 -2.57 16.64 9.46
CA GLY A 224 -1.33 16.72 10.20
C GLY A 224 -0.65 15.40 10.48
N VAL A 225 -0.91 14.36 9.68
CA VAL A 225 -0.34 13.04 9.96
C VAL A 225 1.08 12.85 9.45
N VAL A 226 1.55 13.75 8.58
CA VAL A 226 2.86 13.54 7.94
C VAL A 226 3.98 13.37 8.97
N PRO A 227 4.10 14.22 10.00
CA PRO A 227 5.16 13.97 11.00
C PRO A 227 5.07 12.61 11.66
N GLN A 228 3.85 12.13 11.94
CA GLN A 228 3.72 10.80 12.51
C GLN A 228 4.11 9.73 11.50
N LEU A 229 3.81 9.94 10.22
CA LEU A 229 4.24 9.01 9.19
C LEU A 229 5.76 8.95 9.11
N VAL A 230 6.42 10.10 9.22
CA VAL A 230 7.88 10.13 9.15
C VAL A 230 8.49 9.39 10.35
N LYS A 231 7.88 9.55 11.53
CA LYS A 231 8.36 8.82 12.69
C LYS A 231 8.21 7.31 12.48
N LEU A 232 7.08 6.88 11.93
CA LEU A 232 6.87 5.47 11.66
C LEU A 232 7.80 4.97 10.56
N LEU A 233 8.22 5.86 9.66
CA LEU A 233 9.25 5.53 8.67
C LEU A 233 10.49 4.96 9.35
N GLY A 234 10.84 5.46 10.54
CA GLY A 234 12.02 5.03 11.26
C GLY A 234 11.83 3.85 12.18
N ALA A 235 10.65 3.25 12.20
CA ALA A 235 10.39 2.13 13.10
C ALA A 235 11.26 0.93 12.73
N THR A 236 11.44 0.04 13.70
CA THR A 236 12.20 -1.17 13.47
C THR A 236 11.37 -2.30 12.87
N GLU A 237 10.05 -2.25 13.02
CA GLU A 237 9.19 -3.29 12.48
C GLU A 237 8.97 -3.07 10.99
N LEU A 238 9.42 -4.03 10.19
CA LEU A 238 9.17 -3.97 8.75
C LEU A 238 7.70 -3.89 8.37
N PRO A 239 6.75 -4.52 9.07
CA PRO A 239 5.33 -4.34 8.72
C PRO A 239 4.82 -2.92 8.95
N ILE A 240 5.56 -2.08 9.67
CA ILE A 240 5.17 -0.68 9.82
C ILE A 240 5.88 0.20 8.78
N VAL A 241 7.17 -0.05 8.56
CA VAL A 241 7.93 0.77 7.62
C VAL A 241 7.36 0.64 6.21
N THR A 242 6.95 -0.57 5.82
CA THR A 242 6.46 -0.79 4.46
C THR A 242 5.26 0.08 4.12
N PRO A 243 4.16 0.06 4.89
CA PRO A 243 3.04 0.95 4.55
C PRO A 243 3.34 2.42 4.82
N ALA A 244 4.15 2.73 5.82
CA ALA A 244 4.51 4.13 6.07
C ALA A 244 5.27 4.71 4.88
N LEU A 245 6.22 3.94 4.34
CA LEU A 245 6.98 4.40 3.19
C LEU A 245 6.09 4.54 1.96
N ARG A 246 5.15 3.60 1.78
CA ARG A 246 4.23 3.71 0.65
C ARG A 246 3.38 4.98 0.75
N ALA A 247 2.92 5.31 1.97
CA ALA A 247 2.12 6.51 2.15
C ALA A 247 2.94 7.76 1.86
N ILE A 248 4.16 7.83 2.40
CA ILE A 248 5.05 8.95 2.11
C ILE A 248 5.31 9.03 0.61
N GLY A 249 5.54 7.87 -0.03
CA GLY A 249 5.76 7.86 -1.46
C GLY A 249 4.56 8.37 -2.24
N ASN A 250 3.36 8.00 -1.81
CA ASN A 250 2.15 8.49 -2.47
C ASN A 250 2.04 10.00 -2.34
N ILE A 251 2.32 10.54 -1.14
CA ILE A 251 2.12 11.96 -0.88
C ILE A 251 3.03 12.80 -1.78
N VAL A 252 4.28 12.35 -2.00
CA VAL A 252 5.19 13.12 -2.84
C VAL A 252 4.89 12.98 -4.32
N THR A 253 3.89 12.19 -4.70
CA THR A 253 3.37 12.27 -6.06
C THR A 253 2.39 13.42 -6.24
N GLY A 254 2.05 14.13 -5.16
CA GLY A 254 1.14 15.24 -5.24
C GLY A 254 1.81 16.53 -5.69
N THR A 255 1.43 17.65 -5.09
CA THR A 255 2.02 18.92 -5.45
C THR A 255 3.36 19.13 -4.75
N ASP A 256 4.11 20.12 -5.21
CA ASP A 256 5.39 20.45 -4.60
C ASP A 256 5.21 20.93 -3.16
N GLU A 257 4.08 21.58 -2.86
CA GLU A 257 3.82 22.01 -1.49
C GLU A 257 3.50 20.81 -0.60
N GLN A 258 2.76 19.83 -1.12
CA GLN A 258 2.55 18.60 -0.39
C GLN A 258 3.86 17.85 -0.19
N THR A 259 4.68 17.76 -1.23
CA THR A 259 6.02 17.17 -1.09
C THR A 259 6.83 17.93 -0.03
N GLN A 260 6.68 19.25 0.03
CA GLN A 260 7.44 20.05 0.98
C GLN A 260 7.12 19.69 2.41
N LYS A 261 5.86 19.33 2.70
CA LYS A 261 5.50 18.94 4.06
C LYS A 261 6.24 17.67 4.48
N VAL A 262 6.46 16.75 3.54
CA VAL A 262 7.24 15.55 3.84
C VAL A 262 8.68 15.93 4.17
N ILE A 263 9.25 16.84 3.37
CA ILE A 263 10.62 17.30 3.61
C ILE A 263 10.70 18.03 4.95
N ASP A 264 9.75 18.94 5.20
CA ASP A 264 9.75 19.71 6.44
C ASP A 264 9.63 18.81 7.67
N ALA A 265 8.96 17.68 7.53
CA ALA A 265 8.79 16.76 8.65
C ALA A 265 10.05 15.96 8.95
N GLY A 266 11.07 16.06 8.11
CA GLY A 266 12.34 15.38 8.35
C GLY A 266 12.51 14.04 7.68
N ALA A 267 11.71 13.73 6.66
CA ALA A 267 11.76 12.41 6.04
C ALA A 267 13.11 12.11 5.40
N LEU A 268 13.77 13.13 4.86
CA LEU A 268 15.00 12.88 4.10
C LEU A 268 16.10 12.28 4.97
N ALA A 269 16.08 12.54 6.28
CA ALA A 269 17.10 12.00 7.16
C ALA A 269 16.97 10.50 7.36
N VAL A 270 15.80 9.91 7.06
CA VAL A 270 15.65 8.46 7.16
C VAL A 270 16.15 7.74 5.91
N PHE A 271 16.39 8.46 4.83
CA PHE A 271 16.64 7.76 3.57
C PHE A 271 18.03 7.13 3.42
N PRO A 272 19.07 7.56 4.15
CA PRO A 272 20.29 6.74 4.17
C PRO A 272 20.02 5.30 4.55
N SER A 273 19.17 5.06 5.55
CA SER A 273 18.83 3.70 5.94
C SER A 273 17.94 3.04 4.88
N LEU A 274 16.92 3.75 4.42
CA LEU A 274 15.95 3.16 3.49
C LEU A 274 16.60 2.77 2.17
N LEU A 275 17.50 3.61 1.67
CA LEU A 275 18.14 3.35 0.39
C LEU A 275 19.22 2.28 0.47
N THR A 276 19.59 1.83 1.68
CA THR A 276 20.47 0.68 1.86
C THR A 276 19.77 -0.44 2.61
N ASN A 277 18.44 -0.40 2.68
CA ASN A 277 17.69 -1.38 3.47
C ASN A 277 17.86 -2.79 2.89
N PRO A 278 18.04 -3.80 3.73
CA PRO A 278 18.24 -5.16 3.21
C PRO A 278 17.05 -5.75 2.48
N LYS A 279 15.83 -5.27 2.71
CA LYS A 279 14.66 -5.77 1.99
C LYS A 279 14.53 -5.01 0.67
N THR A 280 14.50 -5.76 -0.42
CA THR A 280 14.54 -5.20 -1.76
C THR A 280 13.41 -4.20 -2.00
N ASN A 281 12.20 -4.53 -1.56
CA ASN A 281 11.06 -3.67 -1.83
C ASN A 281 11.17 -2.33 -1.11
N ILE A 282 11.83 -2.30 0.05
CA ILE A 282 12.03 -1.04 0.75
C ILE A 282 12.97 -0.14 -0.04
N GLN A 283 14.10 -0.70 -0.50
CA GLN A 283 15.01 0.05 -1.36
C GLN A 283 14.29 0.54 -2.61
N LYS A 284 13.48 -0.32 -3.24
CA LYS A 284 12.77 0.07 -4.46
C LYS A 284 11.80 1.22 -4.18
N GLU A 285 11.00 1.09 -3.11
CA GLU A 285 10.02 2.12 -2.80
C GLU A 285 10.68 3.41 -2.29
N ALA A 286 11.82 3.30 -1.60
CA ALA A 286 12.53 4.49 -1.17
C ALA A 286 13.12 5.23 -2.36
N THR A 287 13.65 4.49 -3.33
CA THR A 287 14.20 5.12 -4.53
C THR A 287 13.09 5.70 -5.41
N TRP A 288 11.93 5.04 -5.46
CA TRP A 288 10.79 5.61 -6.17
C TRP A 288 10.36 6.92 -5.52
N THR A 289 10.29 6.94 -4.20
CA THR A 289 9.97 8.18 -3.48
C THR A 289 10.97 9.27 -3.81
N MET A 290 12.26 8.92 -3.85
CA MET A 290 13.29 9.89 -4.17
C MET A 290 13.09 10.48 -5.56
N SER A 291 12.67 9.64 -6.51
CA SER A 291 12.49 10.10 -7.89
C SER A 291 11.38 11.13 -7.99
N ASN A 292 10.37 11.03 -7.14
CA ASN A 292 9.31 12.03 -7.11
C ASN A 292 9.65 13.25 -6.26
N ILE A 293 10.77 13.21 -5.54
CA ILE A 293 11.27 14.40 -4.88
C ILE A 293 12.28 15.13 -5.76
N THR A 294 13.12 14.41 -6.49
CA THR A 294 14.01 15.07 -7.45
C THR A 294 13.27 15.61 -8.66
N ALA A 295 11.97 15.31 -8.80
CA ALA A 295 11.14 15.89 -9.85
C ALA A 295 10.54 17.23 -9.45
N GLY A 296 10.83 17.72 -8.26
CA GLY A 296 10.24 18.95 -7.73
C GLY A 296 11.09 20.17 -8.01
N ARG A 297 10.99 21.14 -7.11
CA ARG A 297 11.64 22.43 -7.29
C ARG A 297 13.13 22.33 -6.97
N GLN A 298 13.88 23.32 -7.45
CA GLN A 298 15.34 23.30 -7.28
C GLN A 298 15.73 23.40 -5.82
N ASP A 299 14.94 24.14 -5.03
CA ASP A 299 15.19 24.16 -3.59
C ASP A 299 14.89 22.82 -2.95
N GLN A 300 14.06 21.98 -3.59
CA GLN A 300 13.82 20.64 -3.07
C GLN A 300 14.94 19.69 -3.47
N ILE A 301 15.41 19.79 -4.72
CA ILE A 301 16.61 19.08 -5.14
C ILE A 301 17.77 19.43 -4.20
N GLN A 302 17.84 20.70 -3.78
CA GLN A 302 18.92 21.12 -2.89
C GLN A 302 18.83 20.47 -1.52
N GLN A 303 17.62 20.23 -1.03
CA GLN A 303 17.46 19.50 0.23
C GLN A 303 17.99 18.08 0.11
N VAL A 304 17.74 17.44 -1.03
CA VAL A 304 18.28 16.11 -1.28
C VAL A 304 19.80 16.15 -1.23
N VAL A 305 20.40 17.19 -1.83
CA VAL A 305 21.84 17.34 -1.81
C VAL A 305 22.33 17.53 -0.37
N ASN A 306 21.69 18.45 0.36
CA ASN A 306 22.16 18.78 1.71
C ASN A 306 22.10 17.58 2.65
N HIS A 307 21.14 16.69 2.44
CA HIS A 307 21.03 15.50 3.29
C HIS A 307 22.00 14.40 2.89
N GLY A 308 22.91 14.68 1.96
CA GLY A 308 23.89 13.71 1.55
C GLY A 308 23.35 12.53 0.77
N LEU A 309 22.21 12.71 0.10
CA LEU A 309 21.51 11.60 -0.53
C LEU A 309 21.95 11.31 -1.96
N VAL A 310 22.69 12.21 -2.59
CA VAL A 310 23.22 11.93 -3.94
C VAL A 310 24.17 10.74 -3.94
N PRO A 311 25.14 10.64 -3.01
CA PRO A 311 25.96 9.42 -2.97
C PRO A 311 25.15 8.15 -2.78
N PHE A 312 24.01 8.22 -2.07
CA PHE A 312 23.19 7.03 -1.92
C PHE A 312 22.49 6.68 -3.23
N LEU A 313 22.09 7.70 -4.00
CA LEU A 313 21.55 7.44 -5.33
C LEU A 313 22.61 6.85 -6.25
N VAL A 314 23.84 7.37 -6.19
CA VAL A 314 24.94 6.75 -6.92
C VAL A 314 25.11 5.30 -6.49
N GLY A 315 24.92 5.03 -5.19
CA GLY A 315 25.07 3.68 -4.69
C GLY A 315 24.06 2.71 -5.27
N VAL A 316 22.77 3.06 -5.19
CA VAL A 316 21.74 2.17 -5.69
C VAL A 316 21.86 1.98 -7.20
N LEU A 317 22.26 3.04 -7.91
CA LEU A 317 22.51 2.90 -9.35
C LEU A 317 23.66 1.93 -9.60
N SER A 318 24.68 1.95 -8.74
CA SER A 318 25.85 1.10 -8.94
C SER A 318 25.53 -0.36 -8.66
N LYS A 319 24.79 -0.64 -7.59
CA LYS A 319 24.48 -2.03 -7.23
C LYS A 319 23.16 -2.05 -6.46
N ALA A 320 22.18 -2.74 -7.03
CA ALA A 320 20.87 -2.95 -6.41
C ALA A 320 20.11 -3.92 -7.30
N ASP A 321 18.96 -4.37 -6.82
CA ASP A 321 18.05 -5.11 -7.69
C ASP A 321 17.67 -4.23 -8.87
N PHE A 322 17.47 -4.86 -10.03
CA PHE A 322 17.34 -4.08 -11.25
C PHE A 322 16.14 -3.14 -11.20
N LYS A 323 15.04 -3.57 -10.58
CA LYS A 323 13.87 -2.70 -10.49
C LYS A 323 14.17 -1.47 -9.65
N THR A 324 14.99 -1.63 -8.61
CA THR A 324 15.46 -0.47 -7.84
C THR A 324 16.34 0.42 -8.70
N GLN A 325 17.26 -0.17 -9.47
CA GLN A 325 18.14 0.60 -10.35
C GLN A 325 17.34 1.41 -11.35
N LYS A 326 16.21 0.88 -11.84
CA LYS A 326 15.40 1.64 -12.78
C LYS A 326 14.78 2.85 -12.11
N GLU A 327 14.29 2.70 -10.88
CA GLU A 327 13.81 3.87 -10.13
C GLU A 327 14.93 4.87 -9.91
N ALA A 328 16.15 4.37 -9.68
CA ALA A 328 17.30 5.27 -9.53
C ALA A 328 17.57 6.04 -10.81
N ALA A 329 17.45 5.37 -11.96
CA ALA A 329 17.61 6.05 -13.23
C ALA A 329 16.59 7.16 -13.39
N TRP A 330 15.33 6.88 -13.04
CA TRP A 330 14.30 7.91 -13.09
C TRP A 330 14.65 9.09 -12.18
N ALA A 331 15.11 8.77 -10.95
CA ALA A 331 15.48 9.83 -10.01
C ALA A 331 16.58 10.72 -10.59
N ILE A 332 17.52 10.13 -11.33
CA ILE A 332 18.60 10.91 -11.90
C ILE A 332 18.10 11.79 -13.05
N THR A 333 17.26 11.23 -13.92
CA THR A 333 16.73 12.02 -15.03
C THR A 333 15.88 13.18 -14.52
N ASN A 334 15.02 12.91 -13.54
CA ASN A 334 14.25 14.00 -12.92
C ASN A 334 15.17 15.04 -12.31
N TYR A 335 16.22 14.60 -11.62
CA TYR A 335 17.21 15.50 -11.03
C TYR A 335 17.86 16.37 -12.10
N THR A 336 18.40 15.75 -13.15
CA THR A 336 19.08 16.51 -14.19
C THR A 336 18.10 17.35 -15.00
N SER A 337 16.84 16.94 -15.08
CA SER A 337 15.87 17.72 -15.85
C SER A 337 15.57 19.05 -15.18
N GLY A 338 15.43 19.06 -13.86
CA GLY A 338 15.00 20.23 -13.14
C GLY A 338 16.08 20.95 -12.36
N GLY A 339 17.27 20.35 -12.27
CA GLY A 339 18.30 20.91 -11.43
C GLY A 339 19.05 22.05 -12.09
N THR A 340 19.68 22.86 -11.22
CA THR A 340 20.59 23.89 -11.68
C THR A 340 21.84 23.26 -12.30
N VAL A 341 22.64 24.09 -12.96
CA VAL A 341 23.91 23.61 -13.48
C VAL A 341 24.82 23.18 -12.34
N GLU A 342 24.84 23.97 -11.26
CA GLU A 342 25.65 23.62 -10.10
C GLU A 342 25.25 22.26 -9.54
N GLN A 343 23.96 22.00 -9.43
CA GLN A 343 23.49 20.72 -8.87
C GLN A 343 23.86 19.56 -9.78
N ILE A 344 23.76 19.77 -11.10
CA ILE A 344 24.09 18.71 -12.04
C ILE A 344 25.59 18.43 -12.02
N VAL A 345 26.41 19.47 -11.88
CA VAL A 345 27.86 19.29 -11.74
C VAL A 345 28.16 18.41 -10.53
N TYR A 346 27.57 18.77 -9.39
CA TYR A 346 27.76 17.99 -8.16
C TYR A 346 27.44 16.51 -8.38
N LEU A 347 26.38 16.24 -9.14
CA LEU A 347 26.00 14.86 -9.45
C LEU A 347 27.14 14.12 -10.14
N VAL A 348 27.77 14.76 -11.13
CA VAL A 348 28.89 14.14 -11.82
C VAL A 348 30.07 13.96 -10.87
N HIS A 349 30.33 14.97 -10.02
CA HIS A 349 31.44 14.89 -9.07
C HIS A 349 31.25 13.74 -8.11
N CYS A 350 30.01 13.38 -7.79
CA CYS A 350 29.74 12.26 -6.91
C CYS A 350 29.90 10.91 -7.60
N GLY A 351 30.12 10.89 -8.91
CA GLY A 351 30.39 9.67 -9.64
C GLY A 351 29.22 9.04 -10.34
N ILE A 352 28.27 9.83 -10.86
CA ILE A 352 27.07 9.26 -11.46
C ILE A 352 27.34 8.66 -12.83
N ILE A 353 28.41 9.07 -13.51
CA ILE A 353 28.56 8.75 -14.93
C ILE A 353 28.79 7.25 -15.12
N GLU A 354 29.76 6.68 -14.41
CA GLU A 354 30.09 5.28 -14.66
C GLU A 354 28.94 4.32 -14.39
N PRO A 355 28.26 4.36 -13.23
CA PRO A 355 27.11 3.46 -13.05
C PRO A 355 25.97 3.74 -14.02
N LEU A 356 25.83 4.98 -14.49
CA LEU A 356 24.87 5.27 -15.54
C LEU A 356 25.22 4.52 -16.81
N MET A 357 26.49 4.61 -17.23
CA MET A 357 26.91 3.96 -18.46
C MET A 357 26.74 2.46 -18.40
N ASN A 358 27.08 1.85 -17.25
CA ASN A 358 26.97 0.40 -17.10
C ASN A 358 25.55 -0.08 -17.30
N LEU A 359 24.56 0.74 -16.96
CA LEU A 359 23.16 0.32 -17.08
C LEU A 359 22.61 0.44 -18.48
N LEU A 360 23.38 1.00 -19.43
CA LEU A 360 22.97 0.92 -20.82
C LEU A 360 23.12 -0.49 -21.39
N SER A 361 23.77 -1.38 -20.64
CA SER A 361 23.82 -2.80 -20.98
C SER A 361 22.47 -3.49 -20.80
N ALA A 362 21.48 -2.80 -20.24
CA ALA A 362 20.29 -3.45 -19.75
C ALA A 362 19.30 -3.78 -20.87
N LYS A 363 18.69 -4.95 -20.73
CA LYS A 363 17.66 -5.49 -21.61
C LYS A 363 16.29 -4.88 -21.29
N ASP A 364 16.29 -3.56 -21.12
CA ASP A 364 15.05 -2.84 -20.80
C ASP A 364 15.05 -1.54 -21.61
N THR A 365 14.15 -1.43 -22.58
CA THR A 365 14.19 -0.32 -23.53
C THR A 365 13.95 1.02 -22.84
N LYS A 366 13.06 1.07 -21.84
CA LYS A 366 12.73 2.38 -21.26
C LYS A 366 13.80 2.89 -20.30
N ILE A 367 14.52 2.02 -19.58
CA ILE A 367 15.60 2.55 -18.75
C ILE A 367 16.71 3.11 -19.64
N ILE A 368 16.89 2.54 -20.83
CA ILE A 368 17.83 3.11 -21.80
C ILE A 368 17.36 4.50 -22.21
N GLN A 369 16.08 4.64 -22.54
CA GLN A 369 15.51 5.95 -22.82
C GLN A 369 15.74 6.91 -21.66
N VAL A 370 15.48 6.44 -20.43
CA VAL A 370 15.64 7.28 -19.25
C VAL A 370 17.08 7.73 -19.10
N ILE A 371 18.02 6.81 -19.30
CA ILE A 371 19.43 7.14 -19.11
C ILE A 371 19.91 8.09 -20.20
N LEU A 372 19.53 7.84 -21.46
CA LEU A 372 19.94 8.72 -22.55
C LEU A 372 19.42 10.14 -22.32
N ASP A 373 18.20 10.27 -21.79
CA ASP A 373 17.69 11.59 -21.43
C ASP A 373 18.60 12.27 -20.42
N ALA A 374 18.99 11.54 -19.37
CA ALA A 374 19.83 12.12 -18.33
C ALA A 374 21.18 12.55 -18.89
N ILE A 375 21.76 11.73 -19.77
CA ILE A 375 23.04 12.10 -20.38
C ILE A 375 22.90 13.40 -21.17
N SER A 376 21.81 13.54 -21.92
CA SER A 376 21.57 14.78 -22.65
C SER A 376 21.45 15.96 -21.69
N ASN A 377 20.72 15.79 -20.60
CA ASN A 377 20.56 16.86 -19.62
C ASN A 377 21.90 17.24 -19.00
N ILE A 378 22.77 16.25 -18.76
CA ILE A 378 24.08 16.56 -18.19
C ILE A 378 24.94 17.27 -19.22
N PHE A 379 24.88 16.84 -20.48
CA PHE A 379 25.63 17.53 -21.52
C PHE A 379 25.16 18.98 -21.66
N GLN A 380 23.84 19.19 -21.63
CA GLN A 380 23.30 20.55 -21.73
C GLN A 380 23.88 21.46 -20.64
N ALA A 381 24.05 20.94 -19.44
CA ALA A 381 24.71 21.71 -18.38
C ALA A 381 26.21 21.85 -18.65
N ALA A 382 26.80 20.87 -19.33
CA ALA A 382 28.23 20.96 -19.65
C ALA A 382 28.50 21.99 -20.75
N GLU A 383 27.54 22.20 -21.66
CA GLU A 383 27.73 23.21 -22.69
C GLU A 383 27.72 24.61 -22.10
N LYS A 384 26.82 24.88 -21.15
CA LYS A 384 26.79 26.17 -20.49
C LYS A 384 28.04 26.42 -19.66
N LEU A 385 28.88 25.42 -19.46
CA LEU A 385 30.19 25.59 -18.85
C LEU A 385 31.33 25.49 -19.85
N GLY A 386 31.05 25.12 -21.10
CA GLY A 386 32.10 24.87 -22.06
C GLY A 386 32.93 23.65 -21.73
N GLU A 387 32.35 22.67 -21.03
CA GLU A 387 33.09 21.52 -20.53
C GLU A 387 32.56 20.21 -21.09
N THR A 388 32.01 20.24 -22.32
CA THR A 388 31.46 19.03 -22.93
C THR A 388 32.56 18.05 -23.32
N GLU A 389 33.77 18.54 -23.62
CA GLU A 389 34.87 17.65 -23.96
C GLU A 389 35.27 16.79 -22.76
N LYS A 390 35.33 17.41 -21.58
CA LYS A 390 35.70 16.69 -20.37
C LYS A 390 34.68 15.61 -20.07
N LEU A 391 33.39 15.91 -20.26
CA LEU A 391 32.35 14.90 -20.08
C LEU A 391 32.46 13.80 -21.12
N SER A 392 32.73 14.17 -22.38
CA SER A 392 32.91 13.17 -23.43
C SER A 392 34.05 12.22 -23.09
N ILE A 393 35.17 12.76 -22.59
CA ILE A 393 36.29 11.92 -22.16
C ILE A 393 35.84 10.96 -21.06
N MET A 394 35.18 11.50 -20.04
CA MET A 394 34.66 10.68 -18.94
C MET A 394 33.81 9.53 -19.46
N ILE A 395 32.86 9.84 -20.33
CA ILE A 395 31.95 8.83 -20.86
C ILE A 395 32.72 7.79 -21.68
N GLU A 396 33.76 8.23 -22.40
CA GLU A 396 34.56 7.29 -23.18
C GLU A 396 35.43 6.42 -22.27
N GLU A 397 36.03 7.03 -21.24
CA GLU A 397 37.01 6.31 -20.43
C GLU A 397 36.39 5.13 -19.69
N CYS A 398 35.10 5.19 -19.36
CA CYS A 398 34.43 4.12 -18.65
C CYS A 398 33.66 3.18 -19.57
N GLY A 399 33.89 3.27 -20.88
CA GLY A 399 33.21 2.41 -21.83
C GLY A 399 31.82 2.84 -22.22
N GLY A 400 31.40 4.06 -21.86
CA GLY A 400 30.05 4.48 -22.16
C GLY A 400 29.84 4.78 -23.64
N LEU A 401 30.86 5.35 -24.29
CA LEU A 401 30.76 5.63 -25.72
C LEU A 401 30.53 4.36 -26.51
N ASP A 402 31.27 3.29 -26.18
CA ASP A 402 31.05 2.00 -26.82
C ASP A 402 29.59 1.57 -26.71
N LYS A 403 28.98 1.81 -25.55
CA LYS A 403 27.60 1.40 -25.34
C LYS A 403 26.63 2.32 -26.07
N ILE A 404 26.90 3.63 -26.07
CA ILE A 404 26.01 4.56 -26.77
C ILE A 404 25.97 4.26 -28.26
N GLU A 405 27.14 3.97 -28.85
CA GLU A 405 27.19 3.68 -30.29
C GLU A 405 26.54 2.34 -30.61
N ALA A 406 26.68 1.36 -29.72
CA ALA A 406 25.97 0.09 -29.92
C ALA A 406 24.47 0.30 -29.96
N LEU A 407 23.96 1.30 -29.24
CA LEU A 407 22.53 1.57 -29.19
C LEU A 407 22.04 2.34 -30.41
N GLN A 408 22.95 2.82 -31.26
CA GLN A 408 22.53 3.21 -32.61
C GLN A 408 21.96 2.01 -33.36
N ARG A 409 22.42 0.81 -33.03
CA ARG A 409 21.93 -0.45 -33.57
C ARG A 409 20.67 -0.96 -32.89
N HIS A 410 20.01 -0.15 -32.07
CA HIS A 410 18.95 -0.67 -31.22
C HIS A 410 17.61 -0.72 -31.95
N GLU A 411 16.80 -1.72 -31.56
CA GLU A 411 15.52 -1.94 -32.23
C GLU A 411 14.59 -0.75 -32.07
N ASN A 412 14.35 -0.33 -30.82
CA ASN A 412 13.39 0.73 -30.55
C ASN A 412 13.81 2.04 -31.20
N GLU A 413 12.83 2.85 -31.57
CA GLU A 413 13.10 3.95 -32.49
C GLU A 413 13.82 5.11 -31.80
N SER A 414 13.29 5.61 -30.69
CA SER A 414 13.94 6.80 -30.14
C SER A 414 15.16 6.47 -29.32
N VAL A 415 15.38 5.20 -28.99
CA VAL A 415 16.68 4.80 -28.47
C VAL A 415 17.78 5.10 -29.49
N TYR A 416 17.57 4.69 -30.74
CA TYR A 416 18.63 4.82 -31.73
C TYR A 416 18.77 6.28 -32.21
N LYS A 417 17.66 6.99 -32.34
CA LYS A 417 17.73 8.40 -32.71
C LYS A 417 18.46 9.21 -31.64
N ALA A 418 18.08 9.01 -30.38
CA ALA A 418 18.73 9.71 -29.29
C ALA A 418 20.22 9.36 -29.17
N SER A 419 20.55 8.09 -29.40
CA SER A 419 21.95 7.68 -29.24
C SER A 419 22.84 8.29 -30.32
N LEU A 420 22.27 8.48 -31.52
CA LEU A 420 23.05 9.07 -32.61
C LEU A 420 23.19 10.58 -32.43
N ASN A 421 22.11 11.24 -31.99
CA ASN A 421 22.19 12.66 -31.66
C ASN A 421 23.30 12.92 -30.67
N LEU A 422 23.40 12.09 -29.63
CA LEU A 422 24.49 12.22 -28.67
C LEU A 422 25.85 12.17 -29.37
N ILE A 423 26.04 11.17 -30.23
CA ILE A 423 27.36 10.96 -30.84
C ILE A 423 27.67 12.06 -31.86
N GLU A 424 26.73 12.43 -32.72
CA GLU A 424 27.06 13.48 -33.71
C GLU A 424 27.23 14.83 -33.05
N LYS A 425 26.63 15.04 -31.88
CA LYS A 425 26.69 16.36 -31.26
C LYS A 425 27.88 16.50 -30.31
N TYR A 426 28.29 15.42 -29.66
CA TYR A 426 29.33 15.46 -28.64
C TYR A 426 30.52 14.59 -28.91
N PHE A 427 30.40 13.55 -29.73
CA PHE A 427 31.50 12.62 -29.98
C PHE A 427 31.91 12.67 -31.45
N SER A 428 31.59 13.74 -32.15
CA SER A 428 31.95 13.92 -33.55
C SER A 428 32.68 15.24 -33.75
N PRO B 15 -6.84 -7.14 -6.34
CA PRO B 15 -6.58 -8.06 -5.22
C PRO B 15 -7.51 -7.82 -4.03
N ARG B 16 -7.81 -8.88 -3.30
CA ARG B 16 -8.75 -8.82 -2.19
C ARG B 16 -8.02 -8.99 -0.87
N ARG B 17 -8.58 -8.40 0.18
CA ARG B 17 -7.98 -8.38 1.52
C ARG B 17 -8.99 -8.99 2.48
N VAL B 18 -8.87 -10.30 2.72
CA VAL B 18 -9.79 -11.02 3.60
C VAL B 18 -9.00 -11.92 4.55
N ARG B 19 -9.60 -12.23 5.69
CA ARG B 19 -8.96 -13.00 6.74
C ARG B 19 -9.91 -14.08 7.24
N ARG B 20 -9.45 -15.33 7.24
CA ARG B 20 -10.20 -16.43 7.85
C ARG B 20 -9.81 -16.55 9.31
N ARG B 21 -10.80 -16.77 10.16
CA ARG B 21 -10.56 -16.98 11.59
C ARG B 21 -10.42 -18.48 11.85
N VAL B 22 -9.24 -18.88 12.32
CA VAL B 22 -8.93 -20.29 12.49
C VAL B 22 -9.19 -20.75 13.92
#